data_3SL1
#
_entry.id   3SL1
#
_cell.length_a   113.181
_cell.length_b   113.181
_cell.length_c   229.616
_cell.angle_alpha   90.00
_cell.angle_beta   90.00
_cell.angle_gamma   120.00
#
_symmetry.space_group_name_H-M   'H 3 2'
#
loop_
_entity.id
_entity.type
_entity.pdbx_description
1 polymer Arginase
2 non-polymer 'MANGANESE (II) ION'
3 non-polymer 6-(dihydroxyboranyl)-2-methyl-L-norleucine
4 water water
#
_entity_poly.entity_id   1
_entity_poly.type   'polypeptide(L)'
_entity_poly.pdbx_seq_one_letter_code
;MGSSHHHHHHSSGLVPRGSHMASKNVSIIGSPLAAGQPLGGVQLACDDLRKLGLHNVIDVLGWKYEDIGNIDNGDNEMKQ
EKKTNNYINNNDNNNDNNNDNNNDNNNNCYIPNGVIKEKKHDLSNNKMNGYVNHNFYGNYEENNVISTNDKYKNNCYYDN
IRNIKEIGIFSKNLFDTMSNELRKKNFVLNIGGDHGVAFSSILSSLQMYQNLRVIWIDAHGDINIPETSPSGNYHGMTLA
HTLGLFKKKVPYFEWSENLTYLKPENTAIIGIRDIDAYEKIILKKCNINYYTIFDIEKNGIYNTICTALEKIDPNSNCPI
HISLDIDSVDNVFAPGTGTVAKGGLNYREINLLMKILAETKRVVSMDLVEYNPSLDEVDKKVHGDSLPILDNATKTGKLC
LELIARVLGYDIV
;
_entity_poly.pdbx_strand_id   A
#
# COMPACT_ATOMS: atom_id res chain seq x y z
N LYS A 24 -12.78 14.81 9.34
CA LYS A 24 -11.68 15.06 8.43
C LYS A 24 -10.34 15.24 9.16
N ASN A 25 -9.95 14.22 9.89
CA ASN A 25 -8.65 14.20 10.58
C ASN A 25 -7.82 13.04 10.08
N VAL A 26 -6.57 13.32 9.72
CA VAL A 26 -5.68 12.25 9.29
C VAL A 26 -4.45 12.17 10.20
N SER A 27 -4.15 10.95 10.65
CA SER A 27 -2.90 10.68 11.36
C SER A 27 -1.87 10.23 10.32
N ILE A 28 -0.71 10.87 10.32
CA ILE A 28 0.36 10.49 9.41
C ILE A 28 1.42 9.68 10.16
N ILE A 29 1.69 8.47 9.67
CA ILE A 29 2.72 7.64 10.28
C ILE A 29 3.79 7.35 9.23
N GLY A 30 5.03 7.73 9.53
CA GLY A 30 6.14 7.37 8.66
C GLY A 30 6.67 6.01 9.07
N SER A 31 6.70 5.06 8.14
CA SER A 31 7.20 3.71 8.41
C SER A 31 8.39 3.36 7.50
N PRO A 32 9.57 3.89 7.82
CA PRO A 32 10.73 3.80 6.92
C PRO A 32 11.44 2.44 6.94
N LEU A 33 10.69 1.36 6.94
CA LEU A 33 11.27 0.02 6.93
C LEU A 33 11.81 -0.34 5.54
N ALA A 34 13.07 -0.74 5.47
CA ALA A 34 13.63 -1.09 4.16
C ALA A 34 14.13 -2.54 4.14
N ALA A 35 13.77 -3.30 5.16
CA ALA A 35 14.35 -4.63 5.38
C ALA A 35 13.64 -5.76 4.64
N GLY A 36 12.48 -5.47 4.06
CA GLY A 36 11.74 -6.47 3.31
C GLY A 36 12.31 -6.75 1.93
N GLN A 37 13.29 -5.94 1.50
CA GLN A 37 13.87 -6.13 0.17
C GLN A 37 15.30 -5.63 0.14
N PRO A 38 16.05 -6.00 -0.91
CA PRO A 38 17.50 -5.75 -0.91
C PRO A 38 17.86 -4.30 -0.61
N LEU A 39 17.22 -3.39 -1.32
CA LEU A 39 17.72 -2.02 -1.39
C LEU A 39 17.31 -1.11 -0.25
N GLY A 40 18.18 -0.17 0.03
CA GLY A 40 17.83 1.04 0.74
C GLY A 40 17.34 1.99 -0.34
N GLY A 41 16.70 3.05 0.11
CA GLY A 41 16.07 4.03 -0.75
C GLY A 41 14.69 4.30 -0.16
N VAL A 42 13.89 3.25 0.01
CA VAL A 42 12.51 3.43 0.48
C VAL A 42 12.46 4.01 1.89
N GLN A 43 13.55 3.85 2.65
CA GLN A 43 13.59 4.39 4.00
C GLN A 43 13.55 5.92 3.95
N LEU A 44 13.79 6.48 2.78
CA LEU A 44 13.84 7.93 2.61
C LEU A 44 12.50 8.51 2.18
N ALA A 45 11.55 7.64 1.86
CA ALA A 45 10.30 8.06 1.24
C ALA A 45 9.44 8.98 2.11
N CYS A 46 9.28 8.64 3.39
CA CYS A 46 8.42 9.39 4.30
CA CYS A 46 8.38 9.41 4.22
C CYS A 46 8.85 10.85 4.40
N ASP A 47 10.13 11.06 4.69
CA ASP A 47 10.63 12.42 4.84
C ASP A 47 10.64 13.15 3.50
N ASP A 48 10.83 12.40 2.40
CA ASP A 48 10.80 13.02 1.09
C ASP A 48 9.42 13.59 0.77
N LEU A 49 8.37 12.83 1.06
CA LEU A 49 7.02 13.31 0.80
C LEU A 49 6.66 14.50 1.69
N ARG A 50 7.17 14.52 2.91
CA ARG A 50 6.99 15.69 3.76
C ARG A 50 7.70 16.91 3.13
N LYS A 51 8.92 16.71 2.69
CA LYS A 51 9.68 17.79 2.06
C LYS A 51 8.97 18.33 0.81
N LEU A 52 8.34 17.43 0.06
CA LEU A 52 7.66 17.82 -1.18
C LEU A 52 6.34 18.56 -0.95
N GLY A 53 5.81 18.45 0.27
CA GLY A 53 4.65 19.25 0.65
C GLY A 53 3.45 18.50 1.18
N LEU A 54 3.65 17.31 1.73
CA LEU A 54 2.55 16.53 2.30
C LEU A 54 1.61 17.38 3.17
N HIS A 55 2.17 18.13 4.11
CA HIS A 55 1.35 18.92 5.04
C HIS A 55 0.52 19.98 4.32
N ASN A 56 1.16 20.71 3.41
CA ASN A 56 0.48 21.74 2.65
C ASN A 56 -0.66 21.16 1.82
N VAL A 57 -0.42 20.01 1.20
CA VAL A 57 -1.45 19.33 0.42
C VAL A 57 -2.67 18.96 1.28
N ILE A 58 -2.42 18.34 2.43
CA ILE A 58 -3.51 18.01 3.34
C ILE A 58 -4.27 19.25 3.79
N ASP A 59 -3.53 20.31 4.12
CA ASP A 59 -4.13 21.57 4.55
CA ASP A 59 -4.14 21.55 4.57
C ASP A 59 -5.07 22.13 3.49
N VAL A 60 -4.58 22.21 2.26
CA VAL A 60 -5.38 22.85 1.20
C VAL A 60 -6.68 22.08 0.91
N LEU A 61 -6.69 20.78 1.23
CA LEU A 61 -7.88 19.96 0.98
C LEU A 61 -8.90 20.04 2.12
N GLY A 62 -8.58 20.84 3.13
CA GLY A 62 -9.53 21.07 4.22
C GLY A 62 -9.51 19.99 5.29
N TRP A 63 -8.44 19.20 5.30
CA TRP A 63 -8.25 18.20 6.36
C TRP A 63 -7.31 18.73 7.43
N LYS A 64 -7.44 18.20 8.64
CA LYS A 64 -6.48 18.47 9.69
C LYS A 64 -5.62 17.22 9.87
N TYR A 65 -4.34 17.41 10.18
CA TYR A 65 -3.46 16.26 10.35
C TYR A 65 -2.78 16.25 11.70
N GLU A 66 -2.37 15.06 12.12
CA GLU A 66 -1.46 14.90 13.25
C GLU A 66 -0.36 14.02 12.70
N ASP A 67 0.84 14.57 12.62
CA ASP A 67 1.96 13.81 12.09
C ASP A 67 2.69 13.18 13.26
N ILE A 68 2.62 11.86 13.33
CA ILE A 68 3.14 11.11 14.47
C ILE A 68 4.66 10.92 14.36
N GLY A 69 5.23 11.31 13.23
CA GLY A 69 6.65 11.15 12.98
C GLY A 69 6.95 9.80 12.34
N ASN A 70 8.15 9.29 12.57
CA ASN A 70 8.55 8.01 11.99
C ASN A 70 8.70 6.93 13.03
N ILE A 71 8.25 5.72 12.71
CA ILE A 71 8.51 4.57 13.55
C ILE A 71 10.02 4.36 13.63
N ASP A 72 10.53 4.14 14.83
CA ASP A 72 11.97 4.04 15.02
C ASP A 72 12.46 2.59 14.94
N ASN A 73 13.74 2.41 14.60
CA ASN A 73 14.35 1.08 14.55
C ASN A 73 15.82 1.15 14.13
N CYS A 156 10.30 -25.62 13.64
CA CYS A 156 9.02 -25.07 14.07
C CYS A 156 8.85 -23.62 13.62
N TYR A 157 9.98 -22.94 13.42
CA TYR A 157 10.01 -21.59 12.90
C TYR A 157 10.62 -21.60 11.51
N TYR A 158 10.23 -20.63 10.68
CA TYR A 158 10.93 -20.41 9.42
C TYR A 158 12.31 -19.86 9.75
N ASP A 159 13.31 -20.24 8.95
CA ASP A 159 14.65 -19.73 9.14
C ASP A 159 15.18 -19.15 7.83
N ASN A 160 14.28 -18.96 6.86
CA ASN A 160 14.69 -18.55 5.53
C ASN A 160 14.07 -17.23 5.05
N ILE A 161 13.71 -16.35 5.99
CA ILE A 161 13.23 -15.03 5.64
C ILE A 161 14.30 -14.01 5.97
N ARG A 162 14.80 -13.29 4.97
CA ARG A 162 15.88 -12.34 5.22
C ARG A 162 15.47 -11.19 6.12
N ASN A 163 16.40 -10.79 6.98
CA ASN A 163 16.24 -9.60 7.82
C ASN A 163 15.01 -9.65 8.73
N ILE A 164 14.56 -10.86 9.06
CA ILE A 164 13.27 -11.01 9.73
C ILE A 164 13.25 -10.43 11.14
N LYS A 165 14.41 -10.42 11.82
CA LYS A 165 14.44 -9.85 13.16
C LYS A 165 14.08 -8.36 13.12
N GLU A 166 14.76 -7.62 12.25
CA GLU A 166 14.49 -6.20 12.07
C GLU A 166 13.02 -5.96 11.68
N ILE A 167 12.52 -6.79 10.77
CA ILE A 167 11.13 -6.65 10.30
C ILE A 167 10.15 -6.90 11.44
N GLY A 168 10.39 -7.97 12.19
CA GLY A 168 9.49 -8.36 13.27
C GLY A 168 9.44 -7.32 14.37
N ILE A 169 10.60 -6.80 14.74
CA ILE A 169 10.67 -5.80 15.80
C ILE A 169 10.06 -4.49 15.34
N PHE A 170 10.35 -4.09 14.11
CA PHE A 170 9.73 -2.90 13.53
C PHE A 170 8.19 -3.04 13.49
N SER A 171 7.72 -4.22 13.10
CA SER A 171 6.28 -4.42 12.93
C SER A 171 5.50 -4.33 14.24
N LYS A 172 6.10 -4.81 15.33
CA LYS A 172 5.47 -4.68 16.65
C LYS A 172 5.27 -3.20 16.95
N ASN A 173 6.32 -2.40 16.74
CA ASN A 173 6.25 -0.97 16.99
CA ASN A 173 6.25 -0.97 16.99
C ASN A 173 5.18 -0.29 16.13
N LEU A 174 5.17 -0.58 14.83
CA LEU A 174 4.15 -0.02 13.95
C LEU A 174 2.75 -0.45 14.38
N PHE A 175 2.59 -1.72 14.74
CA PHE A 175 1.27 -2.22 15.16
C PHE A 175 0.75 -1.44 16.35
N ASP A 176 1.61 -1.27 17.35
CA ASP A 176 1.23 -0.57 18.58
C ASP A 176 0.91 0.90 18.30
N THR A 177 1.75 1.53 17.49
CA THR A 177 1.58 2.94 17.17
C THR A 177 0.31 3.20 16.34
N MET A 178 0.11 2.38 15.32
CA MET A 178 -1.06 2.54 14.48
C MET A 178 -2.35 2.21 15.23
N SER A 179 -2.31 1.21 16.10
CA SER A 179 -3.51 0.85 16.87
C SER A 179 -3.99 2.08 17.63
N ASN A 180 -3.04 2.80 18.21
CA ASN A 180 -3.35 3.98 19.00
C ASN A 180 -3.97 5.10 18.15
N GLU A 181 -3.47 5.29 16.92
CA GLU A 181 -4.02 6.30 16.03
C GLU A 181 -5.41 5.90 15.53
N LEU A 182 -5.59 4.61 15.25
CA LEU A 182 -6.88 4.12 14.75
C LEU A 182 -7.97 4.36 15.77
N ARG A 183 -7.61 4.29 17.05
CA ARG A 183 -8.60 4.44 18.12
C ARG A 183 -9.14 5.86 18.18
N LYS A 184 -8.40 6.81 17.61
CA LYS A 184 -8.87 8.19 17.55
C LYS A 184 -9.99 8.38 16.52
N LYS A 185 -10.22 7.34 15.72
CA LYS A 185 -11.15 7.40 14.59
C LYS A 185 -10.72 8.40 13.51
N ASN A 186 -9.42 8.67 13.45
CA ASN A 186 -8.80 9.40 12.34
C ASN A 186 -8.63 8.46 11.15
N PHE A 187 -8.64 9.02 9.95
CA PHE A 187 -8.10 8.31 8.80
C PHE A 187 -6.61 8.14 9.07
N VAL A 188 -6.07 6.94 8.88
CA VAL A 188 -4.65 6.73 9.15
C VAL A 188 -3.91 6.49 7.84
N LEU A 189 -2.88 7.31 7.60
CA LEU A 189 -2.06 7.20 6.39
C LEU A 189 -0.68 6.72 6.77
N ASN A 190 -0.34 5.51 6.34
CA ASN A 190 0.92 4.86 6.64
C ASN A 190 1.84 4.94 5.42
N ILE A 191 2.92 5.70 5.51
CA ILE A 191 3.82 5.89 4.37
C ILE A 191 5.10 5.07 4.58
N GLY A 192 5.30 4.07 3.72
CA GLY A 192 6.49 3.23 3.78
C GLY A 192 7.69 3.94 3.17
N GLY A 193 8.86 3.28 3.14
CA GLY A 193 9.00 1.89 3.54
C GLY A 193 8.60 0.96 2.40
N ASP A 194 9.12 -0.27 2.44
CA ASP A 194 8.70 -1.29 1.48
C ASP A 194 7.37 -1.92 1.94
N HIS A 195 6.85 -2.85 1.16
CA HIS A 195 5.47 -3.30 1.43
C HIS A 195 5.34 -4.11 2.70
N GLY A 196 6.47 -4.45 3.31
CA GLY A 196 6.45 -5.20 4.54
C GLY A 196 5.67 -4.49 5.63
N VAL A 197 5.56 -3.16 5.53
CA VAL A 197 4.85 -2.39 6.55
C VAL A 197 3.33 -2.64 6.53
N ALA A 198 2.84 -3.30 5.49
CA ALA A 198 1.39 -3.49 5.36
C ALA A 198 0.86 -4.53 6.34
N PHE A 199 1.72 -5.42 6.82
CA PHE A 199 1.28 -6.45 7.75
C PHE A 199 0.67 -5.82 9.01
N SER A 200 1.46 -4.98 9.69
CA SER A 200 0.99 -4.36 10.92
C SER A 200 -0.10 -3.34 10.65
N SER A 201 -0.01 -2.70 9.50
CA SER A 201 -1.00 -1.69 9.12
C SER A 201 -2.37 -2.35 8.97
N ILE A 202 -2.43 -3.39 8.14
CA ILE A 202 -3.71 -4.04 7.88
C ILE A 202 -4.23 -4.73 9.15
N LEU A 203 -3.37 -5.42 9.87
CA LEU A 203 -3.85 -6.18 11.04
C LEU A 203 -4.30 -5.27 12.16
N SER A 204 -3.63 -4.13 12.34
CA SER A 204 -4.08 -3.19 13.37
C SER A 204 -5.45 -2.63 12.98
N SER A 205 -5.60 -2.27 11.71
CA SER A 205 -6.88 -1.74 11.24
C SER A 205 -7.99 -2.80 11.35
N LEU A 206 -7.63 -4.05 11.06
CA LEU A 206 -8.58 -5.16 11.10
C LEU A 206 -9.04 -5.48 12.54
N GLN A 207 -8.16 -5.34 13.52
CA GLN A 207 -8.59 -5.63 14.90
C GLN A 207 -9.67 -4.63 15.31
N MET A 208 -9.55 -3.40 14.83
CA MET A 208 -10.53 -2.37 15.14
C MET A 208 -11.77 -2.44 14.25
N TYR A 209 -11.55 -2.67 12.95
CA TYR A 209 -12.63 -2.76 11.97
C TYR A 209 -12.74 -4.21 11.50
N GLN A 210 -13.54 -5.02 12.18
CA GLN A 210 -13.51 -6.46 11.93
C GLN A 210 -13.99 -6.81 10.53
N ASN A 211 -14.84 -5.95 9.98
CA ASN A 211 -15.38 -6.15 8.64
C ASN A 211 -14.59 -5.38 7.59
N LEU A 212 -13.33 -5.09 7.90
CA LEU A 212 -12.47 -4.37 6.94
C LEU A 212 -12.43 -5.09 5.59
N ARG A 213 -12.43 -4.31 4.51
CA ARG A 213 -12.18 -4.84 3.17
C ARG A 213 -10.89 -4.20 2.65
N VAL A 214 -10.00 -5.01 2.09
CA VAL A 214 -8.68 -4.52 1.69
C VAL A 214 -8.55 -4.51 0.18
N ILE A 215 -8.12 -3.37 -0.36
CA ILE A 215 -7.84 -3.24 -1.79
C ILE A 215 -6.33 -3.12 -1.91
N TRP A 216 -5.70 -4.12 -2.50
CA TRP A 216 -4.24 -4.23 -2.56
C TRP A 216 -3.87 -3.91 -4.01
N ILE A 217 -3.20 -2.77 -4.23
CA ILE A 217 -2.97 -2.29 -5.59
C ILE A 217 -1.48 -2.46 -5.88
N ASP A 218 -1.13 -3.30 -6.85
CA ASP A 218 0.25 -3.74 -6.94
C ASP A 218 0.46 -4.42 -8.28
N ALA A 219 1.68 -4.31 -8.83
CA ALA A 219 2.04 -5.09 -10.00
C ALA A 219 2.22 -6.55 -9.62
N HIS A 220 2.44 -6.79 -8.32
CA HIS A 220 2.83 -8.10 -7.81
C HIS A 220 1.80 -8.64 -6.83
N GLY A 221 1.84 -9.93 -6.57
CA GLY A 221 0.90 -10.54 -5.63
C GLY A 221 1.36 -10.44 -4.18
N ASP A 222 2.68 -10.36 -3.98
CA ASP A 222 3.27 -10.38 -2.65
C ASP A 222 2.70 -11.52 -1.81
N ILE A 223 2.44 -12.64 -2.48
CA ILE A 223 1.71 -13.72 -1.84
C ILE A 223 2.52 -15.03 -1.86
N ASN A 224 3.84 -14.92 -2.02
CA ASN A 224 4.70 -16.05 -1.74
C ASN A 224 4.68 -16.38 -0.25
N ILE A 225 4.90 -17.65 0.07
CA ILE A 225 5.20 -18.02 1.44
C ILE A 225 6.71 -18.35 1.49
N PRO A 226 7.30 -18.44 2.69
CA PRO A 226 8.77 -18.59 2.71
C PRO A 226 9.27 -19.81 1.94
N GLU A 227 8.47 -20.87 1.90
CA GLU A 227 8.87 -22.09 1.21
C GLU A 227 8.73 -22.00 -0.32
N THR A 228 8.11 -20.94 -0.82
CA THR A 228 7.96 -20.77 -2.27
C THR A 228 8.70 -19.56 -2.81
N SER A 229 9.13 -18.66 -1.92
CA SER A 229 9.79 -17.43 -2.34
C SER A 229 11.10 -17.74 -3.05
N PRO A 230 11.30 -17.13 -4.23
CA PRO A 230 12.57 -17.27 -4.95
C PRO A 230 13.65 -16.35 -4.40
N SER A 231 13.27 -15.40 -3.54
CA SER A 231 14.18 -14.35 -3.10
C SER A 231 14.47 -14.36 -1.61
N GLY A 232 13.53 -14.86 -0.82
CA GLY A 232 13.61 -14.75 0.63
C GLY A 232 13.32 -13.34 1.11
N ASN A 233 12.93 -12.46 0.19
CA ASN A 233 12.58 -11.08 0.54
C ASN A 233 11.16 -11.00 1.06
N TYR A 234 11.01 -10.48 2.27
CA TYR A 234 9.71 -10.46 2.94
C TYR A 234 8.64 -9.63 2.22
N HIS A 235 9.04 -8.55 1.56
CA HIS A 235 8.03 -7.71 0.90
C HIS A 235 7.30 -8.46 -0.22
N GLY A 236 7.84 -9.60 -0.63
CA GLY A 236 7.18 -10.43 -1.63
C GLY A 236 6.30 -11.50 -0.99
N MET A 237 6.18 -11.46 0.34
CA MET A 237 5.38 -12.43 1.08
C MET A 237 4.33 -11.77 1.96
N THR A 238 4.37 -10.44 2.04
CA THR A 238 3.57 -9.73 3.05
C THR A 238 2.06 -10.02 2.99
N LEU A 239 1.50 -10.11 1.79
CA LEU A 239 0.08 -10.38 1.68
C LEU A 239 -0.25 -11.79 2.16
N ALA A 240 0.59 -12.75 1.79
CA ALA A 240 0.37 -14.13 2.25
C ALA A 240 0.43 -14.20 3.77
N HIS A 241 1.36 -13.48 4.38
CA HIS A 241 1.49 -13.45 5.83
C HIS A 241 0.24 -12.86 6.48
N THR A 242 -0.23 -11.77 5.90
CA THR A 242 -1.40 -11.05 6.40
C THR A 242 -2.66 -11.90 6.27
N LEU A 243 -2.69 -12.75 5.24
CA LEU A 243 -3.86 -13.61 4.98
C LEU A 243 -3.85 -14.89 5.80
N GLY A 244 -2.85 -15.05 6.66
CA GLY A 244 -2.73 -16.25 7.49
C GLY A 244 -2.26 -17.47 6.72
N LEU A 245 -1.52 -17.27 5.64
CA LEU A 245 -1.12 -18.38 4.78
C LEU A 245 0.19 -19.03 5.21
N PHE A 246 0.93 -18.37 6.10
CA PHE A 246 2.21 -18.93 6.56
C PHE A 246 1.94 -20.22 7.36
N LYS A 247 2.81 -21.21 7.19
CA LYS A 247 2.56 -22.52 7.79
C LYS A 247 3.41 -22.81 9.04
N LYS A 248 4.45 -22.03 9.25
CA LYS A 248 5.27 -22.15 10.46
C LYS A 248 5.31 -20.81 11.18
N LYS A 249 5.93 -20.77 12.36
CA LYS A 249 6.05 -19.53 13.11
C LYS A 249 7.12 -18.63 12.50
N VAL A 250 6.97 -17.32 12.70
CA VAL A 250 7.94 -16.37 12.19
C VAL A 250 8.72 -15.77 13.35
N PRO A 251 10.06 -15.85 13.27
CA PRO A 251 10.86 -15.25 14.35
C PRO A 251 10.52 -13.78 14.56
N TYR A 252 10.39 -13.38 15.82
CA TYR A 252 10.17 -11.99 16.21
C TYR A 252 8.76 -11.48 15.86
N PHE A 253 7.86 -12.40 15.58
CA PHE A 253 6.46 -12.07 15.34
C PHE A 253 5.54 -12.71 16.38
N GLU A 254 6.10 -13.18 17.49
CA GLU A 254 5.28 -13.83 18.52
C GLU A 254 4.14 -12.91 18.98
N TRP A 255 4.41 -11.61 19.05
CA TRP A 255 3.40 -10.63 19.44
C TRP A 255 2.15 -10.67 18.55
N SER A 256 2.28 -11.24 17.36
CA SER A 256 1.18 -11.21 16.38
C SER A 256 0.37 -12.51 16.35
N GLU A 257 0.83 -13.51 17.07
CA GLU A 257 0.31 -14.87 16.90
C GLU A 257 -1.16 -15.05 17.27
N ASN A 258 -1.69 -14.17 18.11
CA ASN A 258 -3.08 -14.29 18.50
C ASN A 258 -4.01 -13.28 17.84
N LEU A 259 -3.51 -12.58 16.83
CA LEU A 259 -4.34 -11.61 16.12
C LEU A 259 -5.29 -12.30 15.16
N THR A 260 -6.38 -11.64 14.82
CA THR A 260 -7.25 -12.11 13.75
C THR A 260 -6.64 -11.73 12.41
N TYR A 261 -6.51 -12.70 11.50
CA TYR A 261 -5.88 -12.45 10.19
C TYR A 261 -6.89 -12.04 9.13
N LEU A 262 -6.40 -11.45 8.05
CA LEU A 262 -7.26 -11.03 6.95
C LEU A 262 -7.76 -12.25 6.19
N LYS A 263 -9.01 -12.21 5.72
CA LYS A 263 -9.56 -13.28 4.88
C LYS A 263 -9.47 -12.96 3.40
N PRO A 264 -9.05 -13.94 2.59
CA PRO A 264 -8.92 -13.78 1.14
C PRO A 264 -10.19 -13.29 0.46
N GLU A 265 -11.35 -13.81 0.89
CA GLU A 265 -12.60 -13.40 0.28
C GLU A 265 -12.94 -11.94 0.59
N ASN A 266 -12.29 -11.36 1.60
CA ASN A 266 -12.52 -9.95 1.93
C ASN A 266 -11.45 -9.02 1.33
N THR A 267 -10.69 -9.55 0.38
CA THR A 267 -9.58 -8.80 -0.22
C THR A 267 -9.69 -8.78 -1.74
N ALA A 268 -9.26 -7.69 -2.36
CA ALA A 268 -9.15 -7.66 -3.82
C ALA A 268 -7.77 -7.12 -4.16
N ILE A 269 -7.06 -7.84 -5.01
CA ILE A 269 -5.76 -7.39 -5.53
CA ILE A 269 -5.77 -7.33 -5.49
C ILE A 269 -5.98 -6.85 -6.94
N ILE A 270 -5.50 -5.65 -7.21
CA ILE A 270 -5.77 -5.00 -8.48
C ILE A 270 -4.48 -4.51 -9.15
N GLY A 271 -4.30 -4.84 -10.43
CA GLY A 271 -3.20 -4.29 -11.23
C GLY A 271 -2.08 -5.27 -11.49
N ILE A 272 -2.26 -6.51 -11.05
CA ILE A 272 -1.15 -7.46 -11.06
C ILE A 272 -0.76 -7.91 -12.46
N ARG A 273 0.54 -8.18 -12.62
CA ARG A 273 1.04 -8.59 -13.94
C ARG A 273 2.34 -9.38 -13.89
N ASP A 274 3.01 -9.40 -12.74
CA ASP A 274 4.27 -10.15 -12.59
CA ASP A 274 4.24 -10.17 -12.59
C ASP A 274 4.19 -11.07 -11.38
N ILE A 275 3.73 -12.30 -11.62
CA ILE A 275 3.48 -13.28 -10.58
C ILE A 275 4.40 -14.48 -10.79
N ASP A 276 5.01 -14.97 -9.71
CA ASP A 276 5.90 -16.14 -9.78
C ASP A 276 5.10 -17.43 -9.99
N ALA A 277 5.76 -18.47 -10.47
CA ALA A 277 5.09 -19.73 -10.78
C ALA A 277 4.29 -20.28 -9.59
N TYR A 278 4.93 -20.33 -8.42
CA TYR A 278 4.26 -20.84 -7.23
C TYR A 278 3.15 -19.92 -6.74
N GLU A 279 3.38 -18.61 -6.83
CA GLU A 279 2.36 -17.62 -6.51
C GLU A 279 1.08 -17.83 -7.29
N LYS A 280 1.22 -18.18 -8.57
CA LYS A 280 0.05 -18.40 -9.40
C LYS A 280 -0.85 -19.46 -8.77
N ILE A 281 -0.22 -20.47 -8.17
CA ILE A 281 -0.96 -21.56 -7.56
C ILE A 281 -1.59 -21.12 -6.25
N ILE A 282 -0.79 -20.43 -5.43
CA ILE A 282 -1.27 -19.90 -4.16
C ILE A 282 -2.45 -18.96 -4.37
N LEU A 283 -2.36 -18.12 -5.38
CA LEU A 283 -3.42 -17.16 -5.70
C LEU A 283 -4.73 -17.86 -5.98
N LYS A 284 -4.70 -18.86 -6.86
CA LYS A 284 -5.91 -19.60 -7.20
C LYS A 284 -6.43 -20.41 -6.01
N LYS A 285 -5.51 -20.96 -5.22
CA LYS A 285 -5.88 -21.87 -4.13
C LYS A 285 -6.61 -21.16 -2.99
N CYS A 286 -6.15 -19.96 -2.63
CA CYS A 286 -6.69 -19.29 -1.45
C CYS A 286 -7.97 -18.54 -1.75
N ASN A 287 -8.35 -18.52 -3.02
CA ASN A 287 -9.60 -17.90 -3.47
C ASN A 287 -9.70 -16.38 -3.24
N ILE A 288 -8.56 -15.70 -3.23
CA ILE A 288 -8.57 -14.24 -3.17
C ILE A 288 -9.14 -13.68 -4.48
N ASN A 289 -9.73 -12.51 -4.42
CA ASN A 289 -10.24 -11.87 -5.63
C ASN A 289 -9.11 -11.08 -6.27
N TYR A 290 -8.83 -11.36 -7.54
CA TYR A 290 -7.74 -10.64 -8.17
C TYR A 290 -8.16 -10.15 -9.55
N TYR A 291 -7.58 -9.02 -9.94
CA TYR A 291 -7.94 -8.35 -11.17
C TYR A 291 -6.64 -7.95 -11.82
N THR A 292 -6.30 -8.63 -12.91
CA THR A 292 -5.00 -8.42 -13.54
C THR A 292 -5.02 -7.24 -14.48
N ILE A 293 -3.85 -6.87 -15.00
CA ILE A 293 -3.81 -5.76 -15.93
C ILE A 293 -4.59 -6.13 -17.21
N PHE A 294 -4.71 -7.42 -17.51
CA PHE A 294 -5.54 -7.85 -18.64
C PHE A 294 -7.03 -7.65 -18.39
N ASP A 295 -7.49 -7.90 -17.16
CA ASP A 295 -8.86 -7.58 -16.80
C ASP A 295 -9.13 -6.10 -16.95
N ILE A 296 -8.15 -5.30 -16.53
CA ILE A 296 -8.25 -3.85 -16.64
C ILE A 296 -8.25 -3.41 -18.11
N GLU A 297 -7.41 -4.03 -18.93
CA GLU A 297 -7.39 -3.69 -20.36
C GLU A 297 -8.71 -4.08 -21.03
N LYS A 298 -9.29 -5.19 -20.59
CA LYS A 298 -10.56 -5.68 -21.15
CA LYS A 298 -10.54 -5.66 -21.20
C LYS A 298 -11.72 -4.77 -20.79
N ASN A 299 -11.83 -4.50 -19.49
CA ASN A 299 -13.02 -3.85 -18.94
C ASN A 299 -12.87 -2.38 -18.54
N GLY A 300 -11.62 -1.92 -18.45
CA GLY A 300 -11.38 -0.56 -18.01
C GLY A 300 -11.25 -0.51 -16.50
N ILE A 301 -10.51 0.48 -15.99
CA ILE A 301 -10.24 0.55 -14.56
C ILE A 301 -11.52 0.83 -13.77
N TYR A 302 -12.43 1.61 -14.35
CA TYR A 302 -13.67 1.93 -13.63
C TYR A 302 -14.53 0.69 -13.39
N ASN A 303 -14.84 -0.05 -14.45
CA ASN A 303 -15.61 -1.28 -14.29
C ASN A 303 -14.90 -2.25 -13.36
N THR A 304 -13.58 -2.27 -13.45
CA THR A 304 -12.80 -3.19 -12.63
C THR A 304 -12.96 -2.92 -11.14
N ILE A 305 -12.76 -1.67 -10.72
CA ILE A 305 -12.88 -1.38 -9.29
C ILE A 305 -14.33 -1.51 -8.82
N CYS A 306 -15.29 -1.16 -9.66
CA CYS A 306 -16.69 -1.36 -9.28
C CYS A 306 -17.01 -2.85 -9.07
N THR A 307 -16.50 -3.67 -9.96
CA THR A 307 -16.68 -5.11 -9.85
C THR A 307 -16.05 -5.63 -8.56
N ALA A 308 -14.82 -5.19 -8.28
CA ALA A 308 -14.12 -5.62 -7.08
C ALA A 308 -14.87 -5.21 -5.82
N LEU A 309 -15.34 -3.97 -5.78
CA LEU A 309 -16.04 -3.46 -4.59
C LEU A 309 -17.35 -4.21 -4.39
N GLU A 310 -18.03 -4.48 -5.49
CA GLU A 310 -19.29 -5.22 -5.43
C GLU A 310 -19.06 -6.64 -4.95
N LYS A 311 -17.93 -7.22 -5.35
CA LYS A 311 -17.60 -8.58 -4.96
C LYS A 311 -17.27 -8.69 -3.47
N ILE A 312 -16.45 -7.78 -2.95
CA ILE A 312 -16.03 -7.89 -1.55
C ILE A 312 -16.93 -7.13 -0.56
N ASP A 313 -17.73 -6.19 -1.07
CA ASP A 313 -18.62 -5.39 -0.22
C ASP A 313 -19.94 -5.19 -0.93
N PRO A 314 -20.67 -6.29 -1.15
CA PRO A 314 -21.94 -6.23 -1.90
C PRO A 314 -22.94 -5.25 -1.30
N ASN A 315 -22.90 -5.03 0.02
CA ASN A 315 -23.85 -4.10 0.64
C ASN A 315 -23.31 -2.69 0.83
N SER A 316 -22.12 -2.44 0.30
CA SER A 316 -21.53 -1.11 0.37
C SER A 316 -21.55 -0.54 1.77
N ASN A 317 -21.15 -1.36 2.75
CA ASN A 317 -21.24 -0.90 4.13
C ASN A 317 -20.01 -1.27 4.98
N CYS A 318 -18.90 -1.60 4.33
CA CYS A 318 -17.70 -1.99 5.07
C CYS A 318 -16.62 -0.91 4.98
N PRO A 319 -15.82 -0.76 6.04
CA PRO A 319 -14.65 0.12 6.02
C PRO A 319 -13.62 -0.44 5.05
N ILE A 320 -12.86 0.43 4.42
CA ILE A 320 -11.92 0.00 3.38
C ILE A 320 -10.51 0.40 3.77
N HIS A 321 -9.57 -0.50 3.55
CA HIS A 321 -8.15 -0.17 3.68
C HIS A 321 -7.51 -0.29 2.31
N ILE A 322 -6.78 0.74 1.91
CA ILE A 322 -6.09 0.74 0.62
C ILE A 322 -4.61 0.49 0.84
N SER A 323 -4.07 -0.56 0.25
CA SER A 323 -2.63 -0.76 0.34
C SER A 323 -2.04 -0.54 -1.04
N LEU A 324 -1.46 0.64 -1.24
CA LEU A 324 -0.99 1.02 -2.56
C LEU A 324 0.53 0.90 -2.68
N ASP A 325 0.95 -0.05 -3.50
CA ASP A 325 2.33 -0.19 -3.93
C ASP A 325 2.47 0.63 -5.23
N ILE A 326 3.33 1.63 -5.21
CA ILE A 326 3.42 2.56 -6.34
C ILE A 326 3.91 1.85 -7.61
N ASP A 327 4.53 0.68 -7.49
CA ASP A 327 4.95 -0.05 -8.69
C ASP A 327 3.77 -0.63 -9.49
N SER A 328 2.56 -0.48 -8.97
CA SER A 328 1.36 -0.81 -9.76
C SER A 328 1.29 0.11 -10.99
N VAL A 329 1.87 1.30 -10.83
CA VAL A 329 1.83 2.32 -11.87
C VAL A 329 2.97 2.11 -12.86
N ASP A 330 2.70 2.33 -14.13
CA ASP A 330 3.74 2.14 -15.14
C ASP A 330 4.97 3.02 -14.91
N ASN A 331 6.14 2.49 -15.23
CA ASN A 331 7.43 3.14 -15.04
CA ASN A 331 7.36 3.22 -14.91
C ASN A 331 7.53 4.51 -15.70
N VAL A 332 6.73 4.72 -16.73
CA VAL A 332 6.74 6.02 -17.43
C VAL A 332 6.35 7.14 -16.47
N PHE A 333 5.46 6.82 -15.53
CA PHE A 333 4.95 7.79 -14.57
C PHE A 333 5.53 7.60 -13.19
N ALA A 334 5.99 6.39 -12.89
CA ALA A 334 6.49 6.08 -11.55
C ALA A 334 7.81 5.34 -11.58
N PRO A 335 8.86 6.00 -12.09
CA PRO A 335 10.15 5.30 -12.14
C PRO A 335 10.76 5.09 -10.76
N GLY A 336 10.35 5.87 -9.77
CA GLY A 336 10.99 5.84 -8.46
C GLY A 336 10.55 4.68 -7.58
N THR A 337 10.88 3.47 -8.01
CA THR A 337 10.45 2.27 -7.29
C THR A 337 11.39 1.11 -7.66
N GLY A 338 11.51 0.15 -6.75
CA GLY A 338 12.55 -0.86 -6.86
C GLY A 338 12.30 -2.01 -7.81
N THR A 339 11.04 -2.41 -7.96
CA THR A 339 10.74 -3.58 -8.75
C THR A 339 9.73 -3.24 -9.81
N VAL A 340 10.21 -2.95 -11.01
CA VAL A 340 9.39 -2.47 -12.10
C VAL A 340 8.85 -3.61 -12.97
N ALA A 341 7.58 -3.50 -13.37
CA ALA A 341 6.97 -4.46 -14.28
C ALA A 341 6.31 -3.70 -15.41
N LYS A 342 6.61 -4.08 -16.66
CA LYS A 342 6.06 -3.40 -17.83
C LYS A 342 4.54 -3.44 -17.84
N GLY A 343 3.94 -2.48 -18.53
CA GLY A 343 2.50 -2.48 -18.75
C GLY A 343 1.67 -2.16 -17.52
N GLY A 344 2.05 -1.13 -16.77
CA GLY A 344 1.32 -0.82 -15.54
C GLY A 344 0.14 0.11 -15.72
N LEU A 345 -0.49 0.50 -14.62
CA LEU A 345 -1.57 1.48 -14.67
C LEU A 345 -1.01 2.79 -15.19
N ASN A 346 -1.75 3.49 -16.05
CA ASN A 346 -1.27 4.79 -16.49
C ASN A 346 -1.71 5.91 -15.53
N TYR A 347 -1.26 7.13 -15.80
CA TYR A 347 -1.52 8.26 -14.91
C TYR A 347 -3.01 8.51 -14.68
N ARG A 348 -3.76 8.50 -15.77
CA ARG A 348 -5.20 8.68 -15.69
C ARG A 348 -5.87 7.55 -14.88
N GLU A 349 -5.45 6.32 -15.14
CA GLU A 349 -6.06 5.19 -14.45
C GLU A 349 -5.84 5.21 -12.93
N ILE A 350 -4.60 5.42 -12.50
CA ILE A 350 -4.34 5.36 -11.05
C ILE A 350 -5.05 6.51 -10.34
N ASN A 351 -5.07 7.69 -10.97
CA ASN A 351 -5.79 8.82 -10.37
C ASN A 351 -7.28 8.53 -10.25
N LEU A 352 -7.87 7.99 -11.32
CA LEU A 352 -9.30 7.64 -11.28
C LEU A 352 -9.58 6.57 -10.22
N LEU A 353 -8.70 5.57 -10.12
CA LEU A 353 -8.91 4.49 -9.15
C LEU A 353 -8.99 5.07 -7.73
N MET A 354 -8.08 5.96 -7.40
CA MET A 354 -8.04 6.57 -6.08
CA MET A 354 -8.05 6.51 -6.06
C MET A 354 -9.26 7.43 -5.83
N LYS A 355 -9.71 8.11 -6.88
CA LYS A 355 -10.90 8.96 -6.79
C LYS A 355 -12.14 8.13 -6.49
N ILE A 356 -12.30 7.02 -7.20
CA ILE A 356 -13.45 6.15 -6.98
C ILE A 356 -13.44 5.60 -5.56
N LEU A 357 -12.27 5.21 -5.07
CA LEU A 357 -12.18 4.72 -3.70
C LEU A 357 -12.50 5.82 -2.69
N ALA A 358 -12.00 7.03 -2.94
CA ALA A 358 -12.36 8.16 -2.08
C ALA A 358 -13.87 8.33 -2.01
N GLU A 359 -14.53 8.20 -3.16
CA GLU A 359 -15.96 8.47 -3.23
C GLU A 359 -16.84 7.43 -2.52
N THR A 360 -16.27 6.30 -2.11
CA THR A 360 -17.05 5.38 -1.29
C THR A 360 -17.36 6.03 0.06
N LYS A 361 -16.47 6.91 0.50
CA LYS A 361 -16.57 7.52 1.82
C LYS A 361 -16.35 6.51 2.94
N ARG A 362 -15.75 5.37 2.61
CA ARG A 362 -15.54 4.32 3.61
C ARG A 362 -14.07 3.97 3.85
N VAL A 363 -13.15 4.68 3.21
CA VAL A 363 -11.73 4.40 3.45
C VAL A 363 -11.31 4.87 4.83
N VAL A 364 -10.75 3.97 5.64
CA VAL A 364 -10.36 4.32 7.01
C VAL A 364 -8.84 4.33 7.20
N SER A 365 -8.12 3.65 6.33
CA SER A 365 -6.67 3.61 6.46
C SER A 365 -6.01 3.28 5.12
N MET A 366 -4.74 3.62 4.99
CA MET A 366 -4.08 3.42 3.71
C MET A 366 -2.58 3.30 3.91
N ASP A 367 -1.96 2.39 3.15
CA ASP A 367 -0.49 2.37 2.98
C ASP A 367 -0.12 2.98 1.65
N LEU A 368 0.96 3.74 1.62
CA LEU A 368 1.58 4.08 0.34
C LEU A 368 3.03 3.62 0.43
N VAL A 369 3.37 2.59 -0.32
CA VAL A 369 4.65 1.91 -0.14
C VAL A 369 5.48 1.80 -1.42
N GLU A 370 6.76 1.49 -1.24
CA GLU A 370 7.73 1.23 -2.30
C GLU A 370 8.16 2.44 -3.11
N TYR A 371 7.82 3.64 -2.65
CA TYR A 371 8.38 4.84 -3.26
C TYR A 371 9.87 4.94 -2.86
N ASN A 372 10.76 5.03 -3.85
CA ASN A 372 12.20 5.12 -3.59
C ASN A 372 12.73 6.38 -4.27
N PRO A 373 12.89 7.46 -3.50
CA PRO A 373 13.28 8.74 -4.09
C PRO A 373 14.61 8.66 -4.83
N SER A 374 15.48 7.74 -4.42
CA SER A 374 16.81 7.69 -5.01
C SER A 374 16.76 7.19 -6.47
N LEU A 375 15.64 6.54 -6.83
CA LEU A 375 15.44 6.04 -8.17
C LEU A 375 14.52 6.95 -9.01
N ASP A 376 14.05 8.04 -8.42
CA ASP A 376 13.04 8.88 -9.07
C ASP A 376 13.71 9.85 -10.08
N GLU A 377 12.93 10.45 -10.97
CA GLU A 377 13.44 11.36 -12.01
C GLU A 377 12.57 12.61 -12.09
N VAL A 378 13.00 13.63 -12.84
CA VAL A 378 12.23 14.87 -13.01
C VAL A 378 11.48 14.94 -14.35
N ASP A 379 10.44 15.77 -14.45
CA ASP A 379 9.84 16.11 -15.75
C ASP A 379 10.61 17.29 -16.42
N LYS A 380 10.61 18.46 -15.77
CA LYS A 380 9.77 18.71 -14.59
C LYS A 380 8.73 19.85 -14.74
N LYS A 381 8.60 20.68 -13.71
CA LYS A 381 7.37 21.44 -13.45
C LYS A 381 6.56 21.95 -14.65
N VAL A 382 5.30 21.55 -14.66
CA VAL A 382 4.35 22.03 -15.64
C VAL A 382 3.22 22.75 -14.90
N HIS A 383 2.46 23.57 -15.62
CA HIS A 383 1.43 24.38 -14.99
C HIS A 383 0.44 23.53 -14.20
N GLY A 384 0.15 22.34 -14.72
CA GLY A 384 -0.83 21.44 -14.11
C GLY A 384 -0.46 20.94 -12.72
N ASP A 385 0.80 21.12 -12.34
CA ASP A 385 1.23 20.78 -10.98
C ASP A 385 0.75 21.90 -10.05
N SER A 386 -0.54 21.89 -9.71
CA SER A 386 -1.17 23.00 -9.00
C SER A 386 -1.26 22.82 -7.49
N LEU A 387 -1.38 21.58 -7.03
CA LEU A 387 -1.32 21.31 -5.60
C LEU A 387 -0.07 21.98 -5.05
N PRO A 388 -0.10 22.35 -3.75
CA PRO A 388 1.08 22.99 -3.18
C PRO A 388 2.23 22.00 -3.01
N ILE A 389 2.72 21.48 -4.12
CA ILE A 389 3.83 20.55 -4.13
C ILE A 389 5.07 21.30 -4.65
N LEU A 390 6.22 21.02 -4.06
CA LEU A 390 7.46 21.71 -4.40
C LEU A 390 7.65 21.75 -5.91
N ASP A 391 7.95 22.94 -6.45
CA ASP A 391 8.19 23.08 -7.88
C ASP A 391 9.31 22.13 -8.31
N ASN A 392 9.14 21.51 -9.47
CA ASN A 392 10.16 20.61 -10.01
C ASN A 392 10.43 19.34 -9.20
N ALA A 393 9.52 18.95 -8.31
CA ALA A 393 9.70 17.72 -7.55
C ALA A 393 9.91 16.51 -8.48
N THR A 394 10.55 15.46 -7.98
CA THR A 394 10.69 14.25 -8.80
C THR A 394 9.29 13.68 -9.07
N LYS A 395 9.10 13.03 -10.20
CA LYS A 395 7.73 12.77 -10.66
C LYS A 395 6.98 11.71 -9.86
N THR A 396 7.68 10.73 -9.32
CA THR A 396 7.01 9.69 -8.53
C THR A 396 6.57 10.26 -7.21
N GLY A 397 7.41 11.07 -6.59
CA GLY A 397 7.05 11.71 -5.34
C GLY A 397 5.84 12.61 -5.52
N LYS A 398 5.84 13.38 -6.60
CA LYS A 398 4.71 14.26 -6.88
C LYS A 398 3.44 13.44 -7.12
N LEU A 399 3.58 12.34 -7.82
CA LEU A 399 2.43 11.46 -8.05
C LEU A 399 1.91 10.90 -6.73
N CYS A 400 2.80 10.45 -5.86
CA CYS A 400 2.37 9.98 -4.56
C CYS A 400 1.52 11.02 -3.83
N LEU A 401 1.98 12.27 -3.81
CA LEU A 401 1.22 13.31 -3.14
C LEU A 401 -0.14 13.53 -3.82
N GLU A 402 -0.15 13.46 -5.14
CA GLU A 402 -1.41 13.64 -5.84
C GLU A 402 -2.39 12.51 -5.53
N LEU A 403 -1.89 11.29 -5.38
CA LEU A 403 -2.78 10.16 -5.12
C LEU A 403 -3.30 10.24 -3.70
N ILE A 404 -2.47 10.69 -2.78
CA ILE A 404 -2.94 10.95 -1.42
C ILE A 404 -4.04 12.02 -1.45
N ALA A 405 -3.82 13.07 -2.22
CA ALA A 405 -4.84 14.10 -2.40
C ALA A 405 -6.15 13.52 -2.90
N ARG A 406 -6.08 12.63 -3.89
CA ARG A 406 -7.29 11.99 -4.41
C ARG A 406 -8.07 11.31 -3.29
N VAL A 407 -7.37 10.55 -2.45
CA VAL A 407 -8.04 9.83 -1.38
C VAL A 407 -8.69 10.79 -0.41
N LEU A 408 -8.11 11.97 -0.26
CA LEU A 408 -8.67 13.00 0.61
C LEU A 408 -9.70 13.90 -0.11
N GLY A 409 -10.09 13.53 -1.32
CA GLY A 409 -11.18 14.21 -1.99
C GLY A 409 -10.82 15.17 -3.11
N TYR A 410 -9.54 15.26 -3.44
CA TYR A 410 -9.10 16.14 -4.52
C TYR A 410 -9.72 15.70 -5.84
N ASP A 411 -10.38 16.63 -6.53
CA ASP A 411 -11.09 16.29 -7.75
C ASP A 411 -10.94 17.42 -8.79
N ILE A 412 -11.22 17.09 -10.04
CA ILE A 412 -10.97 18.03 -11.15
C ILE A 412 -11.92 19.22 -11.13
N VAL A 413 -13.20 18.93 -10.94
CA VAL A 413 -14.20 19.98 -10.77
C VAL A 413 -14.94 19.78 -9.46
#